data_6KCW
#
_entry.id   6KCW
#
_cell.length_a   53.770
_cell.length_b   89.492
_cell.length_c   46.856
_cell.angle_alpha   90.000
_cell.angle_beta   90.000
_cell.angle_gamma   90.000
#
_symmetry.space_group_name_H-M   'P 21 21 2'
#
loop_
_entity.id
_entity.type
_entity.pdbx_description
1 polymer 'Alginate lyase'
2 non-polymer 'PHOSPHATE ION'
3 non-polymer 'CALCIUM ION'
4 water water
#
_entity_poly.entity_id   1
_entity_poly.type   'polypeptide(L)'
_entity_poly.pdbx_seq_one_letter_code
;AIPSSLSINWNNYATGAYSSGNAASDFGNAGGWNQSRSYISDGTLRVTLLKNALSGAGGLISNIDVSDGTEYELDYDVRF
HSQFDWSRGGKVGFGFSIGEGNTGGDPGWDGNGGTLRMMWYQTDAGRVFFQPYIYHKDQPGQYGDTFGKSYPSSGSITKG
TTYHVHVYIKSNTGSNRDGRAQIIINGTTVLDTAIRWTTNDAQRLIKNMTFHTFRGGSQTYWQSPVDSYIYYDNLVLRKI
RLEH
;
_entity_poly.pdbx_strand_id   A
#
# COMPACT_ATOMS: atom_id res chain seq x y z
N ALA A 1 7.14 -0.61 20.10
CA ALA A 1 8.33 -0.91 19.29
C ALA A 1 8.19 -0.27 17.91
N ILE A 2 9.34 0.13 17.37
CA ILE A 2 9.43 0.62 15.99
C ILE A 2 10.27 -0.38 15.20
N PRO A 3 9.65 -1.40 14.62
CA PRO A 3 10.43 -2.46 13.98
C PRO A 3 11.25 -1.96 12.81
N SER A 4 12.36 -2.65 12.56
CA SER A 4 13.05 -2.55 11.28
C SER A 4 12.87 -3.79 10.42
N SER A 5 12.34 -4.88 10.98
CA SER A 5 11.93 -6.03 10.20
C SER A 5 10.66 -6.63 10.80
N LEU A 6 9.86 -7.26 9.95
CA LEU A 6 8.64 -7.91 10.42
C LEU A 6 8.42 -9.15 9.58
N SER A 7 7.86 -10.18 10.21
CA SER A 7 7.49 -11.40 9.50
C SER A 7 6.21 -11.90 10.14
N ILE A 8 5.10 -11.80 9.41
CA ILE A 8 3.78 -12.04 9.95
C ILE A 8 3.01 -12.83 8.90
N ASN A 9 2.70 -14.09 9.21
CA ASN A 9 1.87 -14.90 8.33
C ASN A 9 0.56 -15.29 8.96
N TRP A 10 0.30 -14.84 10.19
CA TRP A 10 -1.00 -15.01 10.83
C TRP A 10 -1.39 -16.48 10.97
N ASN A 11 -0.41 -17.38 10.94
CA ASN A 11 -0.70 -18.80 11.02
C ASN A 11 -0.89 -19.31 12.45
N ASN A 12 -0.37 -18.56 13.42
CA ASN A 12 -0.63 -18.82 14.83
C ASN A 12 -1.96 -18.26 15.30
N TYR A 13 -2.76 -17.67 14.42
CA TYR A 13 -4.01 -17.05 14.82
C TYR A 13 -5.18 -17.97 14.54
N ALA A 14 -6.16 -17.90 15.44
CA ALA A 14 -7.47 -18.47 15.22
C ALA A 14 -8.22 -17.70 14.13
N THR A 15 -9.02 -18.42 13.35
CA THR A 15 -10.08 -17.75 12.62
C THR A 15 -10.93 -16.94 13.61
N GLY A 16 -11.23 -15.71 13.25
CA GLY A 16 -11.92 -14.82 14.15
C GLY A 16 -11.29 -13.45 14.18
N ALA A 17 -12.00 -12.53 14.84
CA ALA A 17 -11.66 -11.12 14.80
C ALA A 17 -10.21 -10.89 15.24
N TYR A 18 -9.59 -9.91 14.61
CA TYR A 18 -8.22 -9.50 14.85
C TYR A 18 -8.30 -8.11 15.47
N SER A 19 -7.86 -7.99 16.72
CA SER A 19 -8.10 -6.77 17.47
C SER A 19 -7.00 -5.76 17.19
N SER A 20 -7.19 -4.54 17.73
CA SER A 20 -6.12 -3.55 17.68
C SER A 20 -4.88 -4.05 18.40
N GLY A 21 -5.06 -4.62 19.59
CA GLY A 21 -3.93 -5.12 20.35
C GLY A 21 -3.13 -6.18 19.61
N ASN A 22 -3.80 -7.07 18.88
CA ASN A 22 -3.10 -8.04 18.05
C ASN A 22 -2.21 -7.34 17.02
N ALA A 23 -2.79 -6.38 16.30
CA ALA A 23 -2.05 -5.62 15.28
C ALA A 23 -0.87 -4.87 15.88
N ALA A 24 -1.10 -4.15 16.97
CA ALA A 24 -0.01 -3.45 17.63
C ALA A 24 1.06 -4.43 18.10
N SER A 25 0.65 -5.61 18.56
CA SER A 25 1.63 -6.57 19.04
C SER A 25 2.48 -7.13 17.91
N ASP A 26 1.88 -7.37 16.73
CA ASP A 26 2.59 -7.99 15.61
C ASP A 26 3.40 -6.97 14.82
N PHE A 27 2.82 -5.82 14.58
CA PHE A 27 3.45 -4.80 13.80
C PHE A 27 4.30 -3.91 14.65
N GLY A 28 4.08 -3.88 15.94
CA GLY A 28 4.85 -3.04 16.82
C GLY A 28 4.07 -1.80 17.12
N ASN A 29 3.39 -1.28 16.12
CA ASN A 29 2.57 -0.13 16.29
C ASN A 29 1.60 -0.10 15.13
N ALA A 30 0.40 0.44 15.34
CA ALA A 30 -0.67 0.53 14.34
C ALA A 30 -1.69 1.51 14.83
N GLY A 31 -1.55 2.78 14.50
CA GLY A 31 -2.39 3.80 15.11
C GLY A 31 -3.66 4.21 14.40
N GLY A 32 -4.25 3.32 13.59
CA GLY A 32 -5.53 3.66 12.99
C GLY A 32 -6.49 2.50 12.96
N TRP A 33 -6.10 1.40 13.63
CA TRP A 33 -6.76 0.13 13.44
C TRP A 33 -8.21 0.16 13.89
N ASN A 34 -9.06 -0.49 13.11
CA ASN A 34 -10.50 -0.61 13.36
C ASN A 34 -10.78 -2.11 13.38
N GLN A 35 -10.74 -2.72 14.57
CA GLN A 35 -10.87 -4.16 14.69
C GLN A 35 -12.16 -4.68 14.08
N SER A 36 -13.09 -3.80 13.74
CA SER A 36 -14.32 -4.18 13.07
C SER A 36 -14.10 -4.60 11.62
N ARG A 37 -12.94 -4.26 11.04
CA ARG A 37 -12.62 -4.62 9.67
C ARG A 37 -11.42 -5.57 9.54
N SER A 38 -10.83 -6.03 10.64
CA SER A 38 -9.71 -6.96 10.59
C SER A 38 -10.12 -8.27 11.23
N TYR A 39 -9.92 -9.35 10.48
CA TYR A 39 -10.45 -10.66 10.82
C TYR A 39 -9.50 -11.69 10.25
N ILE A 40 -9.06 -12.64 11.07
CA ILE A 40 -8.26 -13.76 10.57
C ILE A 40 -9.21 -14.78 9.97
N SER A 41 -9.08 -15.00 8.67
CA SER A 41 -9.88 -15.98 7.95
C SER A 41 -8.92 -17.05 7.42
N ASP A 42 -8.87 -18.20 8.12
CA ASP A 42 -8.08 -19.36 7.68
C ASP A 42 -6.60 -19.01 7.52
N GLY A 43 -6.02 -18.43 8.56
CA GLY A 43 -4.60 -18.14 8.56
C GLY A 43 -4.17 -16.94 7.74
N THR A 44 -5.11 -16.18 7.17
CA THR A 44 -4.80 -14.93 6.48
C THR A 44 -5.53 -13.79 7.15
N LEU A 45 -5.13 -12.57 6.81
CA LEU A 45 -5.77 -11.37 7.34
C LEU A 45 -6.79 -10.86 6.33
N ARG A 46 -8.05 -10.88 6.71
CA ARG A 46 -9.13 -10.32 5.90
C ARG A 46 -9.45 -8.92 6.37
N VAL A 47 -9.41 -7.96 5.46
CA VAL A 47 -9.84 -6.60 5.71
C VAL A 47 -11.18 -6.37 5.02
N THR A 48 -12.08 -5.68 5.70
CA THR A 48 -13.40 -5.40 5.17
C THR A 48 -13.46 -3.97 4.60
N LEU A 49 -13.98 -3.84 3.39
CA LEU A 49 -14.40 -2.55 2.86
C LEU A 49 -15.93 -2.51 2.90
N LEU A 50 -16.48 -1.60 3.72
CA LEU A 50 -17.92 -1.53 3.90
C LEU A 50 -18.59 -0.80 2.75
N LYS A 51 -19.81 -1.25 2.44
CA LYS A 51 -20.62 -0.62 1.42
C LYS A 51 -20.92 0.84 1.77
N ASN A 52 -21.10 1.65 0.73
CA ASN A 52 -21.52 3.06 0.86
C ASN A 52 -20.55 3.87 1.72
N ALA A 53 -19.25 3.69 1.50
CA ALA A 53 -18.26 4.44 2.27
C ALA A 53 -16.95 4.50 1.51
N LEU A 54 -16.15 5.50 1.86
CA LEU A 54 -14.82 5.71 1.32
C LEU A 54 -13.82 5.77 2.46
N SER A 55 -12.54 5.71 2.10
CA SER A 55 -11.44 6.06 2.99
C SER A 55 -11.39 5.25 4.30
N GLY A 56 -11.16 5.94 5.43
CA GLY A 56 -11.22 5.31 6.73
C GLY A 56 -12.63 4.94 7.16
N ALA A 57 -13.64 5.63 6.62
CA ALA A 57 -15.01 5.35 7.05
C ALA A 57 -15.42 3.93 6.71
N GLY A 58 -14.87 3.36 5.65
CA GLY A 58 -15.29 2.04 5.24
C GLY A 58 -14.20 1.00 5.18
N GLY A 59 -12.94 1.43 5.34
CA GLY A 59 -11.80 0.56 5.17
C GLY A 59 -10.90 0.57 6.39
N LEU A 60 -9.63 0.27 6.15
CA LEU A 60 -8.64 0.20 7.21
C LEU A 60 -7.36 0.86 6.72
N ILE A 61 -6.98 1.96 7.39
CA ILE A 61 -5.92 2.84 6.92
C ILE A 61 -4.97 3.06 8.09
N SER A 62 -3.87 2.32 8.12
CA SER A 62 -2.91 2.40 9.22
C SER A 62 -1.52 2.68 8.67
N ASN A 63 -0.77 3.52 9.38
CA ASN A 63 0.61 3.81 9.07
C ASN A 63 1.47 3.21 10.17
N ILE A 64 2.31 2.24 9.82
CA ILE A 64 3.16 1.58 10.80
C ILE A 64 4.51 2.29 10.81
N ASP A 65 4.81 2.94 11.92
CA ASP A 65 6.10 3.56 12.16
C ASP A 65 7.23 2.53 12.11
N VAL A 66 8.13 2.67 11.14
CA VAL A 66 9.26 1.76 11.03
C VAL A 66 10.54 2.56 11.27
N SER A 67 11.59 1.85 11.65
CA SER A 67 12.88 2.49 11.84
C SER A 67 13.29 3.18 10.55
N ASP A 68 13.68 4.46 10.67
CA ASP A 68 14.01 5.25 9.50
C ASP A 68 15.20 4.65 8.76
N GLY A 69 15.12 4.66 7.44
CA GLY A 69 16.22 4.19 6.61
C GLY A 69 16.09 4.74 5.20
N THR A 70 17.12 4.45 4.40
CA THR A 70 17.21 4.86 3.00
C THR A 70 16.84 3.75 2.03
N GLU A 71 16.84 2.48 2.47
CA GLU A 71 16.53 1.34 1.62
C GLU A 71 15.63 0.36 2.35
N TYR A 72 14.50 0.05 1.72
CA TYR A 72 13.47 -0.77 2.35
C TYR A 72 12.88 -1.69 1.29
N GLU A 73 12.31 -2.80 1.77
CA GLU A 73 11.57 -3.69 0.89
C GLU A 73 10.49 -4.34 1.71
N LEU A 74 9.49 -4.88 1.03
CA LEU A 74 8.55 -5.76 1.71
C LEU A 74 7.97 -6.74 0.69
N ASP A 75 7.35 -7.79 1.22
CA ASP A 75 6.69 -8.83 0.44
C ASP A 75 5.42 -9.24 1.16
N TYR A 76 4.39 -9.56 0.40
CA TYR A 76 3.14 -10.03 0.95
C TYR A 76 2.34 -10.65 -0.18
N ASP A 77 1.34 -11.44 0.20
CA ASP A 77 0.37 -11.97 -0.74
C ASP A 77 -0.95 -11.26 -0.53
N VAL A 78 -1.70 -11.13 -1.62
CA VAL A 78 -2.99 -10.47 -1.56
C VAL A 78 -3.93 -11.20 -2.51
N ARG A 79 -5.18 -11.35 -2.07
CA ARG A 79 -6.22 -12.02 -2.83
C ARG A 79 -7.52 -11.25 -2.65
N PHE A 80 -8.19 -10.93 -3.75
CA PHE A 80 -9.51 -10.35 -3.66
C PHE A 80 -10.54 -11.45 -3.46
N HIS A 81 -11.55 -11.15 -2.66
CA HIS A 81 -12.58 -12.13 -2.36
C HIS A 81 -13.24 -12.65 -3.63
N SER A 82 -13.97 -13.75 -3.48
CA SER A 82 -14.56 -14.43 -4.63
C SER A 82 -15.55 -13.54 -5.37
N GLN A 83 -16.40 -12.84 -4.63
CA GLN A 83 -17.36 -11.90 -5.21
C GLN A 83 -17.00 -10.47 -4.89
N PHE A 84 -15.70 -10.15 -4.89
CA PHE A 84 -15.30 -8.78 -4.64
C PHE A 84 -15.92 -7.87 -5.70
N ASP A 85 -16.39 -6.70 -5.27
CA ASP A 85 -16.99 -5.73 -6.18
C ASP A 85 -15.92 -4.73 -6.55
N TRP A 86 -15.38 -4.87 -7.77
CA TRP A 86 -14.28 -4.01 -8.21
C TRP A 86 -14.60 -2.54 -8.00
N SER A 87 -15.79 -2.13 -8.44
CA SER A 87 -16.24 -0.73 -8.41
C SER A 87 -15.19 0.11 -9.16
N ARG A 88 -14.76 1.26 -8.63
CA ARG A 88 -13.81 2.08 -9.37
C ARG A 88 -12.36 1.73 -9.05
N GLY A 89 -12.07 1.39 -7.79
CA GLY A 89 -10.74 1.02 -7.38
C GLY A 89 -10.46 1.52 -6.00
N GLY A 90 -9.22 1.40 -5.56
CA GLY A 90 -8.83 1.86 -4.26
C GLY A 90 -7.41 1.41 -3.96
N LYS A 91 -7.00 1.66 -2.72
CA LYS A 91 -5.66 1.30 -2.24
C LYS A 91 -5.68 -0.13 -1.67
N VAL A 92 -4.55 -0.82 -1.80
CA VAL A 92 -4.44 -2.22 -1.40
C VAL A 92 -2.99 -2.49 -0.97
N GLY A 93 -2.83 -3.36 0.02
CA GLY A 93 -1.52 -3.89 0.36
C GLY A 93 -0.60 -2.90 1.07
N PHE A 94 0.66 -3.30 1.17
CA PHE A 94 1.64 -2.66 2.01
C PHE A 94 2.62 -1.85 1.17
N GLY A 95 2.80 -0.58 1.55
CA GLY A 95 3.74 0.30 0.89
C GLY A 95 4.57 1.10 1.88
N PHE A 96 5.17 2.20 1.41
CA PHE A 96 6.09 2.98 2.21
C PHE A 96 5.78 4.46 2.03
N SER A 97 6.22 5.25 3.00
CA SER A 97 6.08 6.70 2.97
C SER A 97 7.40 7.35 3.36
N ILE A 98 7.86 8.26 2.53
CA ILE A 98 9.08 9.03 2.78
C ILE A 98 8.69 10.43 3.25
N GLY A 99 9.43 10.96 4.23
CA GLY A 99 9.22 12.31 4.72
C GLY A 99 7.81 12.55 5.25
N GLU A 100 7.20 13.63 4.77
CA GLU A 100 5.82 13.97 5.13
C GLU A 100 4.80 12.96 4.59
N GLY A 101 5.24 11.97 3.81
CA GLY A 101 4.36 10.94 3.27
C GLY A 101 3.20 11.44 2.43
N ASN A 102 3.50 12.21 1.38
CA ASN A 102 2.45 12.86 0.61
C ASN A 102 1.47 11.86 0.00
N THR A 103 0.19 12.13 0.23
CA THR A 103 -0.97 11.40 -0.28
C THR A 103 -2.10 12.41 -0.43
N GLY A 104 -3.30 11.91 -0.72
CA GLY A 104 -4.44 12.82 -0.82
C GLY A 104 -4.32 13.70 -2.04
N GLY A 105 -4.79 14.93 -1.92
CA GLY A 105 -4.57 15.80 -3.05
C GLY A 105 -3.28 16.56 -2.90
N ASP A 106 -2.34 16.04 -2.11
CA ASP A 106 -1.15 16.80 -1.74
C ASP A 106 0.06 16.24 -2.48
N PRO A 107 0.44 16.81 -3.62
CA PRO A 107 1.52 16.24 -4.40
C PRO A 107 2.88 16.46 -3.74
N GLY A 108 3.83 15.62 -4.12
CA GLY A 108 5.19 15.73 -3.64
C GLY A 108 5.95 16.95 -4.15
N TRP A 109 5.25 17.89 -4.80
CA TRP A 109 5.92 19.03 -5.44
C TRP A 109 6.68 19.89 -4.43
N ASP A 110 6.25 19.92 -3.17
CA ASP A 110 6.94 20.76 -2.20
C ASP A 110 8.25 20.15 -1.71
N GLY A 111 8.63 18.99 -2.27
CA GLY A 111 9.93 18.41 -2.01
C GLY A 111 10.10 17.84 -0.61
N ASN A 112 9.01 17.63 0.12
CA ASN A 112 9.04 17.24 1.53
C ASN A 112 8.52 15.84 1.79
N GLY A 113 8.10 15.09 0.77
CA GLY A 113 7.70 13.72 1.01
C GLY A 113 6.95 13.12 -0.15
N GLY A 114 6.69 11.82 -0.03
CA GLY A 114 5.87 11.10 -0.97
C GLY A 114 5.51 9.74 -0.40
N THR A 115 4.81 8.94 -1.21
CA THR A 115 4.50 7.56 -0.85
C THR A 115 4.65 6.63 -2.05
N LEU A 116 4.95 5.37 -1.76
CA LEU A 116 4.90 4.27 -2.71
C LEU A 116 3.78 3.36 -2.21
N ARG A 117 2.61 3.43 -2.85
CA ARG A 117 1.51 2.53 -2.57
C ARG A 117 1.04 1.89 -3.87
N MET A 118 0.03 1.03 -3.76
CA MET A 118 -0.49 0.29 -4.90
C MET A 118 -2.01 0.33 -4.88
N MET A 119 -2.61 0.34 -6.07
CA MET A 119 -4.06 0.36 -6.20
C MET A 119 -4.51 -0.77 -7.12
N TRP A 120 -5.79 -1.13 -6.98
CA TRP A 120 -6.52 -1.76 -8.08
C TRP A 120 -7.39 -0.68 -8.71
N TYR A 121 -7.78 -0.91 -9.96
CA TYR A 121 -8.40 0.15 -10.73
C TYR A 121 -9.21 -0.45 -11.87
N GLN A 122 -10.40 0.13 -12.13
CA GLN A 122 -11.27 -0.31 -13.22
C GLN A 122 -11.50 0.84 -14.20
N THR A 123 -11.24 0.57 -15.47
CA THR A 123 -11.41 1.56 -16.52
C THR A 123 -12.87 1.65 -16.93
N ASP A 124 -13.26 2.82 -17.46
CA ASP A 124 -14.57 2.94 -18.06
C ASP A 124 -14.81 1.80 -19.06
N ALA A 125 -13.75 1.31 -19.70
CA ALA A 125 -13.81 0.24 -20.70
C ALA A 125 -13.90 -1.17 -20.11
N GLY A 126 -13.83 -1.33 -18.79
CA GLY A 126 -14.07 -2.62 -18.17
C GLY A 126 -12.84 -3.41 -17.74
N ARG A 127 -11.63 -2.90 -17.99
CA ARG A 127 -10.42 -3.57 -17.55
C ARG A 127 -10.14 -3.27 -16.08
N VAL A 128 -9.60 -4.26 -15.37
CA VAL A 128 -9.32 -4.15 -13.95
C VAL A 128 -7.90 -4.66 -13.69
N PHE A 129 -7.06 -3.83 -13.06
CA PHE A 129 -5.66 -4.19 -12.89
C PHE A 129 -5.12 -3.64 -11.58
N PHE A 130 -3.89 -4.04 -11.28
CA PHE A 130 -3.04 -3.35 -10.31
C PHE A 130 -2.35 -2.17 -10.99
N GLN A 131 -1.94 -1.19 -10.18
CA GLN A 131 -1.24 -0.05 -10.76
C GLN A 131 -0.45 0.61 -9.64
N PRO A 132 0.80 0.99 -9.88
CA PRO A 132 1.50 1.84 -8.93
C PRO A 132 0.71 3.11 -8.67
N TYR A 133 0.96 3.73 -7.52
CA TYR A 133 0.26 4.95 -7.14
C TYR A 133 1.24 5.75 -6.27
N ILE A 134 2.08 6.54 -6.91
CA ILE A 134 3.25 7.12 -6.27
C ILE A 134 3.08 8.64 -6.21
N TYR A 135 3.15 9.19 -5.01
CA TYR A 135 3.42 10.61 -4.84
C TYR A 135 4.92 10.76 -4.72
N HIS A 136 5.49 11.73 -5.44
CA HIS A 136 6.91 11.99 -5.40
C HIS A 136 7.16 13.42 -5.91
N LYS A 137 8.44 13.80 -5.91
CA LYS A 137 8.80 15.18 -6.16
C LYS A 137 8.37 15.64 -7.56
N ASP A 138 8.30 14.70 -8.50
CA ASP A 138 8.10 15.06 -9.91
C ASP A 138 6.84 14.44 -10.50
N GLN A 139 5.90 14.02 -9.66
CA GLN A 139 4.65 13.49 -10.18
C GLN A 139 4.01 14.52 -11.13
N PRO A 140 3.42 14.07 -12.21
CA PRO A 140 2.89 15.00 -13.20
C PRO A 140 1.57 15.63 -12.79
N GLY A 141 0.79 14.91 -11.97
CA GLY A 141 -0.51 15.37 -11.53
C GLY A 141 -0.53 15.63 -10.04
N GLN A 142 -1.66 16.18 -9.60
CA GLN A 142 -1.81 16.51 -8.19
C GLN A 142 -2.05 15.26 -7.36
N TYR A 143 -2.62 14.23 -7.98
CA TYR A 143 -2.87 12.95 -7.34
C TYR A 143 -1.80 11.94 -7.77
N GLY A 144 -2.04 10.67 -7.49
CA GLY A 144 -0.96 9.71 -7.54
C GLY A 144 -0.47 9.44 -8.94
N ASP A 145 0.85 9.37 -9.08
CA ASP A 145 1.49 9.03 -10.34
C ASP A 145 1.48 7.52 -10.49
N THR A 146 0.89 7.02 -11.59
CA THR A 146 0.94 5.60 -11.88
C THR A 146 2.12 5.21 -12.75
N PHE A 147 2.84 6.19 -13.29
CA PHE A 147 3.89 5.99 -14.29
C PHE A 147 3.36 5.25 -15.51
N GLY A 148 2.05 5.33 -15.74
CA GLY A 148 1.44 4.62 -16.83
C GLY A 148 1.48 3.10 -16.73
N LYS A 149 1.73 2.54 -15.55
CA LYS A 149 2.00 1.10 -15.43
C LYS A 149 0.81 0.33 -14.88
N SER A 150 0.68 -0.92 -15.32
CA SER A 150 -0.42 -1.75 -14.83
C SER A 150 -0.02 -3.21 -14.87
N TYR A 151 -0.63 -3.99 -13.98
CA TYR A 151 -0.50 -5.43 -13.97
C TYR A 151 -1.89 -6.06 -13.87
N PRO A 152 -2.23 -6.91 -14.85
CA PRO A 152 -1.33 -7.25 -15.96
C PRO A 152 -1.26 -6.15 -17.02
N SER A 153 -0.26 -6.19 -17.90
CA SER A 153 -0.13 -5.14 -18.91
C SER A 153 -1.29 -5.18 -19.90
N SER A 154 -1.83 -6.37 -20.16
CA SER A 154 -3.07 -6.51 -20.93
C SER A 154 -4.01 -7.45 -20.18
N GLY A 155 -5.31 -7.32 -20.44
CA GLY A 155 -6.30 -8.10 -19.71
C GLY A 155 -6.51 -7.56 -18.31
N SER A 156 -7.30 -8.29 -17.53
CA SER A 156 -7.66 -7.91 -16.17
C SER A 156 -7.09 -8.91 -15.17
N ILE A 157 -6.98 -8.46 -13.91
CA ILE A 157 -6.72 -9.36 -12.77
C ILE A 157 -8.03 -10.10 -12.50
N THR A 158 -7.96 -11.17 -11.68
CA THR A 158 -9.13 -12.00 -11.41
C THR A 158 -9.40 -12.10 -9.92
N LYS A 159 -10.67 -12.28 -9.57
CA LYS A 159 -11.04 -12.44 -8.17
C LYS A 159 -10.67 -13.84 -7.68
N GLY A 160 -10.48 -13.95 -6.37
CA GLY A 160 -10.13 -15.24 -5.82
C GLY A 160 -8.74 -15.74 -6.19
N THR A 161 -7.88 -14.87 -6.69
CA THR A 161 -6.54 -15.23 -7.16
C THR A 161 -5.48 -14.59 -6.28
N THR A 162 -4.54 -15.39 -5.78
CA THR A 162 -3.49 -14.83 -4.94
C THR A 162 -2.38 -14.22 -5.79
N TYR A 163 -2.01 -12.99 -5.46
CA TYR A 163 -0.94 -12.28 -6.13
C TYR A 163 0.14 -11.94 -5.11
N HIS A 164 1.38 -12.39 -5.38
CA HIS A 164 2.50 -11.99 -4.55
C HIS A 164 3.04 -10.66 -5.02
N VAL A 165 3.26 -9.75 -4.06
CA VAL A 165 3.73 -8.39 -4.31
C VAL A 165 5.07 -8.21 -3.61
N HIS A 166 6.08 -7.77 -4.36
CA HIS A 166 7.34 -7.28 -3.83
C HIS A 166 7.45 -5.77 -4.09
N VAL A 167 7.80 -5.02 -3.05
CA VAL A 167 8.00 -3.57 -3.16
C VAL A 167 9.41 -3.25 -2.67
N TYR A 168 10.10 -2.38 -3.41
CA TYR A 168 11.44 -1.92 -3.06
C TYR A 168 11.48 -0.41 -3.24
N ILE A 169 12.04 0.28 -2.25
CA ILE A 169 12.10 1.74 -2.26
C ILE A 169 13.47 2.19 -1.78
N LYS A 170 13.97 3.25 -2.40
CA LYS A 170 15.28 3.82 -2.05
C LYS A 170 15.14 5.33 -2.04
N SER A 171 15.57 5.96 -0.95
CA SER A 171 15.61 7.42 -0.88
C SER A 171 16.50 8.01 -1.96
N ASN A 172 16.15 9.22 -2.41
CA ASN A 172 17.06 10.00 -3.22
C ASN A 172 17.89 10.87 -2.30
N THR A 173 18.84 11.61 -2.86
CA THR A 173 19.64 12.57 -2.11
C THR A 173 19.50 13.95 -2.76
N GLY A 174 19.39 14.98 -1.94
CA GLY A 174 19.34 16.35 -2.45
C GLY A 174 18.30 16.51 -3.54
N SER A 175 18.67 17.18 -4.63
CA SER A 175 17.80 17.32 -5.78
C SER A 175 18.08 16.28 -6.86
N ASN A 176 18.84 15.23 -6.53
CA ASN A 176 19.21 14.18 -7.48
C ASN A 176 18.06 13.20 -7.69
N ARG A 177 18.07 12.59 -8.87
CA ARG A 177 17.14 11.51 -9.22
C ARG A 177 17.79 10.16 -9.01
N ASP A 178 18.28 9.92 -7.78
CA ASP A 178 19.00 8.70 -7.47
C ASP A 178 18.20 7.78 -6.54
N GLY A 179 16.93 8.08 -6.28
CA GLY A 179 16.09 7.18 -5.53
C GLY A 179 15.60 6.02 -6.38
N ARG A 180 14.64 5.28 -5.85
CA ARG A 180 14.11 4.13 -6.58
C ARG A 180 12.70 3.81 -6.07
N ALA A 181 11.81 3.46 -7.00
CA ALA A 181 10.50 2.92 -6.66
C ALA A 181 10.26 1.67 -7.48
N GLN A 182 9.97 0.55 -6.83
CA GLN A 182 9.82 -0.72 -7.54
C GLN A 182 8.65 -1.51 -7.00
N ILE A 183 7.85 -2.08 -7.91
CA ILE A 183 6.79 -3.02 -7.58
C ILE A 183 6.91 -4.25 -8.47
N ILE A 184 6.95 -5.43 -7.84
CA ILE A 184 7.07 -6.71 -8.53
C ILE A 184 5.89 -7.58 -8.11
N ILE A 185 5.12 -8.05 -9.09
CA ILE A 185 3.92 -8.84 -8.83
C ILE A 185 4.07 -10.17 -9.56
N ASN A 186 3.99 -11.27 -8.82
CA ASN A 186 4.22 -12.60 -9.38
C ASN A 186 5.55 -12.65 -10.14
N GLY A 187 6.60 -12.06 -9.56
CA GLY A 187 7.90 -12.05 -10.20
C GLY A 187 8.01 -11.22 -11.46
N THR A 188 6.94 -10.55 -11.89
CA THR A 188 6.92 -9.72 -13.08
C THR A 188 7.05 -8.25 -12.67
N THR A 189 7.95 -7.53 -13.33
CA THR A 189 8.15 -6.11 -13.05
C THR A 189 6.92 -5.30 -13.43
N VAL A 190 6.37 -4.57 -12.47
CA VAL A 190 5.27 -3.65 -12.77
C VAL A 190 5.88 -2.28 -12.95
N LEU A 191 6.59 -1.82 -11.92
CA LEU A 191 7.29 -0.55 -11.95
C LEU A 191 8.67 -0.78 -11.37
N ASP A 192 9.70 -0.32 -12.10
CA ASP A 192 11.07 -0.35 -11.58
C ASP A 192 11.78 0.86 -12.19
N THR A 193 11.67 2.00 -11.52
CA THR A 193 12.18 3.26 -12.03
C THR A 193 13.05 3.97 -11.01
N ALA A 194 14.05 4.68 -11.51
CA ALA A 194 14.71 5.64 -10.65
C ALA A 194 13.77 6.83 -10.48
N ILE A 195 13.94 7.56 -9.38
CA ILE A 195 12.93 8.53 -8.98
C ILE A 195 13.57 9.54 -8.04
N ARG A 196 12.98 10.73 -7.98
CA ARG A 196 13.29 11.74 -6.98
C ARG A 196 12.11 11.80 -6.03
N TRP A 197 12.35 11.48 -4.75
CA TRP A 197 11.30 11.54 -3.74
C TRP A 197 11.18 12.91 -3.12
N THR A 198 12.32 13.51 -2.78
CA THR A 198 12.38 14.73 -1.98
C THR A 198 13.45 15.64 -2.54
N THR A 199 13.31 16.95 -2.29
CA THR A 199 14.42 17.87 -2.42
C THR A 199 14.90 18.41 -1.09
N ASN A 200 14.17 18.15 0.00
CA ASN A 200 14.57 18.48 1.36
C ASN A 200 15.17 17.24 2.02
N ASP A 201 16.49 17.29 2.29
CA ASP A 201 17.20 16.15 2.88
C ASP A 201 16.72 15.80 4.29
N ALA A 202 16.11 16.74 5.01
CA ALA A 202 15.57 16.41 6.33
C ALA A 202 14.34 15.53 6.24
N GLN A 203 13.79 15.33 5.05
CA GLN A 203 12.60 14.52 4.84
C GLN A 203 12.85 13.35 3.88
N ARG A 204 14.11 12.99 3.62
CA ARG A 204 14.42 12.01 2.58
C ARG A 204 14.23 10.56 3.02
N LEU A 205 14.09 10.30 4.31
CA LEU A 205 14.11 8.94 4.83
C LEU A 205 12.77 8.24 4.69
N ILE A 206 12.82 6.94 4.40
CA ILE A 206 11.65 6.09 4.58
C ILE A 206 11.33 6.06 6.07
N LYS A 207 10.11 6.47 6.41
CA LYS A 207 9.74 6.65 7.80
C LYS A 207 8.70 5.66 8.29
N ASN A 208 7.77 5.23 7.46
CA ASN A 208 6.83 4.24 7.95
C ASN A 208 6.27 3.42 6.79
N MET A 209 5.74 2.25 7.16
CA MET A 209 5.08 1.35 6.22
C MET A 209 3.58 1.62 6.21
N THR A 210 3.03 1.78 5.00
CA THR A 210 1.59 2.01 4.84
C THR A 210 0.87 0.69 4.67
N PHE A 211 -0.26 0.56 5.35
CA PHE A 211 -1.16 -0.57 5.19
C PHE A 211 -2.53 0.02 4.90
N HIS A 212 -2.77 0.35 3.62
CA HIS A 212 -3.97 1.05 3.22
C HIS A 212 -4.86 0.10 2.42
N THR A 213 -6.07 -0.14 2.94
CA THR A 213 -7.12 -0.90 2.25
C THR A 213 -8.38 -0.07 2.30
N PHE A 214 -8.64 0.69 1.23
CA PHE A 214 -9.83 1.53 1.18
C PHE A 214 -10.18 1.85 -0.27
N ARG A 215 -11.45 2.16 -0.47
CA ARG A 215 -11.95 2.57 -1.78
C ARG A 215 -11.77 4.07 -1.97
N GLY A 216 -11.45 4.48 -3.19
CA GLY A 216 -11.23 5.87 -3.50
C GLY A 216 -9.78 6.19 -3.77
N GLY A 217 -9.50 7.35 -4.36
CA GLY A 217 -10.52 8.27 -4.80
C GLY A 217 -11.13 9.11 -3.71
N SER A 218 -11.88 10.12 -4.11
CA SER A 218 -12.43 11.09 -3.18
C SER A 218 -13.93 11.31 -3.31
N GLN A 219 -14.55 10.88 -4.40
CA GLN A 219 -15.97 11.13 -4.64
C GLN A 219 -16.79 9.88 -4.38
N THR A 220 -18.10 10.08 -4.20
CA THR A 220 -18.98 8.98 -3.80
C THR A 220 -19.13 7.89 -4.85
N TYR A 221 -18.66 8.12 -6.07
CA TYR A 221 -18.83 7.12 -7.11
C TYR A 221 -17.76 6.02 -7.05
N TRP A 222 -16.72 6.20 -6.22
CA TRP A 222 -15.76 5.15 -5.89
C TRP A 222 -16.32 4.12 -4.92
N GLN A 223 -17.49 4.39 -4.33
CA GLN A 223 -18.08 3.46 -3.38
C GLN A 223 -18.64 2.23 -4.09
N SER A 224 -18.88 1.20 -3.30
CA SER A 224 -19.55 -0.01 -3.71
C SER A 224 -20.82 -0.19 -2.89
N PRO A 225 -21.87 -0.76 -3.47
CA PRO A 225 -23.10 -1.01 -2.71
C PRO A 225 -23.06 -2.24 -1.80
N VAL A 226 -21.99 -3.05 -1.82
CA VAL A 226 -21.91 -4.24 -0.99
C VAL A 226 -20.62 -4.23 -0.17
N ASP A 227 -20.65 -4.97 0.94
CA ASP A 227 -19.42 -5.25 1.67
C ASP A 227 -18.55 -6.16 0.81
N SER A 228 -17.25 -5.86 0.77
CA SER A 228 -16.29 -6.66 0.02
C SER A 228 -15.05 -6.91 0.87
N TYR A 229 -14.28 -7.93 0.49
CA TYR A 229 -13.20 -8.43 1.33
C TYR A 229 -11.91 -8.59 0.54
N ILE A 230 -10.79 -8.34 1.21
CA ILE A 230 -9.45 -8.54 0.66
C ILE A 230 -8.64 -9.30 1.70
N TYR A 231 -7.84 -10.26 1.23
CA TYR A 231 -7.07 -11.11 2.13
C TYR A 231 -5.58 -10.93 1.88
N TYR A 232 -4.83 -10.66 2.96
CA TYR A 232 -3.39 -10.57 2.92
C TYR A 232 -2.76 -11.73 3.69
N ASP A 233 -1.50 -12.04 3.34
CA ASP A 233 -0.77 -13.12 4.00
C ASP A 233 0.72 -12.92 3.80
N ASN A 234 1.49 -13.49 4.73
CA ASN A 234 2.93 -13.72 4.54
C ASN A 234 3.70 -12.42 4.36
N LEU A 235 3.46 -11.46 5.26
CA LEU A 235 4.12 -10.16 5.20
C LEU A 235 5.55 -10.27 5.71
N VAL A 236 6.52 -9.90 4.88
CA VAL A 236 7.93 -9.85 5.28
C VAL A 236 8.43 -8.45 4.99
N LEU A 237 8.80 -7.72 6.04
CA LEU A 237 9.34 -6.38 5.93
C LEU A 237 10.80 -6.40 6.36
N ARG A 238 11.64 -5.64 5.64
CA ARG A 238 13.05 -5.59 6.01
C ARG A 238 13.68 -4.25 5.68
N LYS A 239 14.22 -3.61 6.72
CA LYS A 239 15.10 -2.45 6.58
C LYS A 239 16.42 -2.90 5.98
N ILE A 240 16.68 -2.54 4.75
CA ILE A 240 17.93 -2.96 4.13
C ILE A 240 19.10 -2.09 4.61
N ARG A 241 18.89 -0.80 4.83
CA ARG A 241 20.00 0.09 5.18
C ARG A 241 19.48 1.45 5.61
N LEU A 242 20.25 2.10 6.49
CA LEU A 242 20.17 3.54 6.73
C LEU A 242 21.53 4.16 6.47
N GLU A 243 21.57 5.18 5.61
CA GLU A 243 22.82 5.81 5.18
C GLU A 243 22.60 7.31 5.00
N HIS A 244 23.31 8.12 5.78
CA HIS A 244 23.16 9.57 5.72
C HIS A 244 24.03 10.23 4.63
#